data_4HKR
#
_entry.id   4HKR
#
_cell.length_a   117.910
_cell.length_b   117.910
_cell.length_c   117.910
_cell.angle_alpha   90.00
_cell.angle_beta   90.00
_cell.angle_gamma   90.00
#
_symmetry.space_group_name_H-M   'P 21 3'
#
loop_
_entity.id
_entity.type
_entity.pdbx_description
1 polymer 'Calcium release-activated calcium channel protein 1'
2 non-polymer 'BARIUM ION'
3 non-polymer 'ZINC ION'
4 non-polymer 'FE (III) ION'
#
_entity_poly.entity_id   1
_entity_poly.type   'polypeptide(L)'
_entity_poly.pdbx_seq_one_letter_code
;MSQSGEDLHSPTYLSWRKLQLSRAKLKASSKTSALLSGFAMVAMVEVQLDHDTNVPPGMLIAFAICTTLLVAVHMLALMI
STCILPNIETVSNLHSISLVHESPHERLHWYIETAWAFSTLLGLILFLLEIAILCWVKFYDLSRRAAWSATVVLIPVMII
FMAFAIHFYRSLVSHKYEVTVSGIRELEMLKEQMEQDHLEHHNNIRNNGEGEEF
;
_entity_poly.pdbx_strand_id   A,B
#
loop_
_chem_comp.id
_chem_comp.type
_chem_comp.name
_chem_comp.formula
BA non-polymer 'BARIUM ION' 'Ba 2'
FE non-polymer 'FE (III) ION' 'Fe 3'
ZN non-polymer 'ZINC ION' 'Zn 2'
#
# COMPACT_ATOMS: atom_id res chain seq x y z
N THR A 12 -18.15 22.94 -11.73
CA THR A 12 -16.70 23.10 -12.04
C THR A 12 -15.86 23.25 -10.77
N TYR A 13 -16.34 24.06 -9.84
CA TYR A 13 -15.64 24.28 -8.58
C TYR A 13 -15.70 23.03 -7.72
N LEU A 14 -16.80 22.29 -7.85
CA LEU A 14 -17.00 21.06 -7.09
C LEU A 14 -16.07 19.94 -7.58
N SER A 15 -15.99 19.75 -8.89
CA SER A 15 -15.12 18.72 -9.45
C SER A 15 -13.67 19.10 -9.22
N TRP A 16 -13.39 20.41 -9.20
CA TRP A 16 -12.03 20.91 -8.96
C TRP A 16 -11.64 20.66 -7.51
N ARG A 17 -12.56 20.93 -6.58
CA ARG A 17 -12.30 20.72 -5.16
C ARG A 17 -12.14 19.23 -4.85
N LYS A 18 -12.97 18.39 -5.47
CA LYS A 18 -12.89 16.94 -5.27
C LYS A 18 -11.53 16.44 -5.73
N LEU A 19 -11.11 16.85 -6.92
CA LEU A 19 -9.81 16.44 -7.46
C LEU A 19 -8.61 16.94 -6.64
N GLN A 20 -8.70 18.15 -6.05
CA GLN A 20 -7.61 18.70 -5.23
C GLN A 20 -7.58 18.07 -3.82
N LEU A 21 -8.71 17.46 -3.45
CA LEU A 21 -8.83 16.74 -2.19
C LEU A 21 -8.21 15.36 -2.33
N SER A 22 -8.42 14.73 -3.48
CA SER A 22 -7.75 13.46 -3.72
C SER A 22 -6.24 13.68 -3.91
N ARG A 23 -5.86 14.88 -4.37
CA ARG A 23 -4.45 15.18 -4.58
C ARG A 23 -3.73 15.56 -3.26
N ALA A 24 -4.42 16.20 -2.32
CA ALA A 24 -3.74 16.49 -1.04
C ALA A 24 -3.81 15.25 -0.14
N LYS A 25 -4.76 14.37 -0.42
CA LYS A 25 -4.91 13.13 0.32
C LYS A 25 -3.84 12.14 -0.18
N LEU A 26 -3.51 12.23 -1.46
CA LEU A 26 -2.47 11.37 -2.02
C LEU A 26 -1.16 11.78 -1.37
N LYS A 27 -0.74 13.04 -1.59
CA LYS A 27 0.50 13.55 -1.01
C LYS A 27 0.60 13.34 0.52
N ALA A 28 -0.47 13.52 1.29
CA ALA A 28 -0.32 13.30 2.73
C ALA A 28 -0.39 11.82 3.15
N SER A 29 -1.16 11.00 2.45
CA SER A 29 -1.20 9.59 2.80
C SER A 29 0.21 9.05 2.59
N SER A 30 0.80 9.41 1.47
CA SER A 30 2.14 8.94 1.16
C SER A 30 3.15 9.36 2.21
N LYS A 31 3.36 10.65 2.43
CA LYS A 31 4.34 11.07 3.41
C LYS A 31 4.14 10.38 4.78
N THR A 32 2.90 10.39 5.31
CA THR A 32 2.72 9.82 6.66
C THR A 32 2.84 8.28 6.74
N SER A 33 2.28 7.56 5.77
CA SER A 33 2.37 6.11 5.79
C SER A 33 3.84 5.70 5.74
N ALA A 34 4.57 6.31 4.82
CA ALA A 34 6.00 6.00 4.70
C ALA A 34 6.78 6.35 5.97
N LEU A 35 6.49 7.53 6.54
CA LEU A 35 7.23 7.96 7.72
C LEU A 35 6.95 7.11 8.97
N LEU A 36 5.68 6.76 9.20
CA LEU A 36 5.35 5.96 10.38
C LEU A 36 5.98 4.57 10.22
N SER A 37 5.86 4.00 9.02
CA SER A 37 6.43 2.69 8.78
C SER A 37 7.95 2.66 8.99
N GLY A 38 8.65 3.61 8.40
CA GLY A 38 10.10 3.67 8.52
C GLY A 38 10.55 3.87 9.96
N PHE A 39 9.90 4.83 10.62
CA PHE A 39 10.23 5.12 12.01
C PHE A 39 10.01 3.89 12.90
N ALA A 40 8.92 3.16 12.68
CA ALA A 40 8.63 1.96 13.47
C ALA A 40 9.65 0.86 13.25
N MET A 41 10.01 0.61 11.99
CA MET A 41 11.04 -0.39 11.71
C MET A 41 12.34 -0.06 12.45
N VAL A 42 12.74 1.22 12.41
CA VAL A 42 13.96 1.63 13.09
C VAL A 42 13.83 1.46 14.60
N ALA A 43 12.64 1.76 15.12
CA ALA A 43 12.38 1.68 16.55
C ALA A 43 12.47 0.23 17.01
N MET A 44 12.02 -0.68 16.17
CA MET A 44 12.14 -2.09 16.49
C MET A 44 13.59 -2.55 16.51
N VAL A 45 14.35 -2.26 15.47
CA VAL A 45 15.74 -2.74 15.46
C VAL A 45 16.60 -2.13 16.59
N GLU A 46 16.24 -0.94 17.07
CA GLU A 46 16.98 -0.21 18.10
C GLU A 46 16.93 -0.78 19.54
N VAL A 47 15.91 -1.57 19.86
CA VAL A 47 15.83 -2.20 21.18
C VAL A 47 16.58 -3.53 21.12
N GLN A 48 16.83 -4.00 19.89
CA GLN A 48 17.58 -5.23 19.63
C GLN A 48 19.09 -4.95 19.60
N MET A 59 3.94 -11.86 25.25
CA MET A 59 3.81 -10.43 25.00
C MET A 59 4.68 -9.98 23.84
N LEU A 60 5.68 -10.78 23.50
CA LEU A 60 6.57 -10.51 22.37
C LEU A 60 5.97 -10.97 21.04
N ILE A 61 5.04 -11.92 21.13
CA ILE A 61 4.29 -12.34 19.95
C ILE A 61 3.45 -11.14 19.52
N ALA A 62 2.98 -10.40 20.52
CA ALA A 62 2.26 -9.14 20.30
C ALA A 62 3.12 -8.11 19.57
N PHE A 63 4.28 -7.81 20.13
CA PHE A 63 5.27 -6.90 19.55
C PHE A 63 5.57 -7.17 18.06
N ALA A 64 5.81 -8.45 17.74
CA ALA A 64 6.14 -8.78 16.36
C ALA A 64 4.92 -8.67 15.44
N ILE A 65 3.79 -9.23 15.87
CA ILE A 65 2.58 -9.20 15.04
C ILE A 65 2.15 -7.75 14.79
N CYS A 66 2.42 -6.89 15.77
CA CYS A 66 2.06 -5.49 15.69
C CYS A 66 2.95 -4.79 14.68
N THR A 67 4.26 -4.78 14.90
CA THR A 67 5.17 -4.13 13.94
C THR A 67 4.90 -4.56 12.51
N THR A 68 4.80 -5.87 12.32
CA THR A 68 4.61 -6.44 11.00
C THR A 68 3.27 -6.04 10.36
N LEU A 69 2.23 -6.01 11.17
CA LEU A 69 0.90 -5.60 10.72
C LEU A 69 0.89 -4.12 10.38
N LEU A 70 1.59 -3.33 11.19
CA LEU A 70 1.67 -1.88 11.04
C LEU A 70 2.33 -1.55 9.69
N VAL A 71 3.46 -2.16 9.42
CA VAL A 71 4.13 -1.94 8.13
C VAL A 71 3.31 -2.49 6.94
N ALA A 72 2.63 -3.61 7.14
CA ALA A 72 1.87 -4.22 6.05
C ALA A 72 0.67 -3.37 5.63
N VAL A 73 -0.08 -2.93 6.64
CA VAL A 73 -1.27 -2.12 6.43
C VAL A 73 -0.88 -0.77 5.79
N HIS A 74 0.24 -0.20 6.24
CA HIS A 74 0.67 1.07 5.66
C HIS A 74 1.13 0.92 4.19
N MET A 75 1.87 -0.15 3.91
CA MET A 75 2.27 -0.42 2.53
C MET A 75 1.05 -0.60 1.65
N LEU A 76 -0.01 -1.17 2.23
CA LEU A 76 -1.27 -1.33 1.52
C LEU A 76 -1.78 0.05 1.10
N ALA A 77 -1.90 0.95 2.07
CA ALA A 77 -2.33 2.32 1.77
C ALA A 77 -1.50 2.96 0.64
N LEU A 78 -0.17 2.89 0.76
CA LEU A 78 0.70 3.46 -0.25
C LEU A 78 0.41 2.92 -1.65
N MET A 79 0.12 1.62 -1.72
CA MET A 79 -0.16 1.03 -3.01
C MET A 79 -1.48 1.56 -3.53
N ILE A 80 -2.44 1.75 -2.65
CA ILE A 80 -3.73 2.31 -3.07
C ILE A 80 -3.50 3.74 -3.60
N SER A 81 -2.37 4.36 -3.25
CA SER A 81 -2.01 5.66 -3.84
C SER A 81 -1.22 5.54 -5.18
N THR A 82 -0.73 4.34 -5.44
CA THR A 82 -0.08 3.94 -6.71
C THR A 82 -1.21 3.77 -7.75
N CYS A 83 -2.34 3.22 -7.31
CA CYS A 83 -3.50 2.96 -8.17
C CYS A 83 -4.70 3.92 -8.24
N ILE A 84 -4.80 4.95 -7.40
CA ILE A 84 -5.92 5.87 -7.53
C ILE A 84 -5.55 6.85 -8.66
N LEU A 85 -4.26 7.07 -8.83
CA LEU A 85 -3.75 7.95 -9.89
C LEU A 85 -4.30 7.60 -11.29
N PRO A 86 -4.29 6.32 -11.71
CA PRO A 86 -4.90 6.09 -13.02
C PRO A 86 -6.42 6.37 -13.04
N ASN A 87 -7.08 6.24 -11.88
CA ASN A 87 -8.52 6.49 -11.80
C ASN A 87 -8.89 7.64 -10.86
N PRO A 104 -21.04 4.15 -11.92
CA PRO A 104 -19.95 3.99 -12.90
C PRO A 104 -18.57 4.12 -12.26
N HIS A 105 -17.87 5.20 -12.61
CA HIS A 105 -16.57 5.51 -12.05
C HIS A 105 -16.72 5.92 -10.59
N GLU A 106 -17.76 6.70 -10.30
CA GLU A 106 -18.00 7.23 -8.95
C GLU A 106 -18.01 6.18 -7.83
N ARG A 107 -18.78 5.11 -8.02
CA ARG A 107 -18.92 4.05 -7.01
C ARG A 107 -17.60 3.34 -6.76
N LEU A 108 -16.90 3.09 -7.85
CA LEU A 108 -15.60 2.43 -7.82
C LEU A 108 -14.55 3.30 -7.10
N HIS A 109 -14.60 4.61 -7.38
CA HIS A 109 -13.67 5.57 -6.80
C HIS A 109 -13.91 5.74 -5.31
N TRP A 110 -15.17 5.61 -4.90
CA TRP A 110 -15.51 5.69 -3.47
C TRP A 110 -15.08 4.42 -2.74
N TYR A 111 -15.26 3.27 -3.37
CA TYR A 111 -14.81 2.04 -2.73
C TYR A 111 -13.29 2.07 -2.54
N ILE A 112 -12.57 2.41 -3.60
CA ILE A 112 -11.11 2.48 -3.50
C ILE A 112 -10.72 3.50 -2.43
N GLU A 113 -11.33 4.68 -2.47
CA GLU A 113 -11.13 5.72 -1.46
C GLU A 113 -11.29 5.18 -0.04
N THR A 114 -12.35 4.40 0.18
CA THR A 114 -12.68 3.84 1.49
C THR A 114 -11.67 2.76 1.92
N ALA A 115 -11.15 2.01 0.96
CA ALA A 115 -10.12 1.01 1.26
C ALA A 115 -8.84 1.71 1.69
N TRP A 116 -8.59 2.87 1.08
CA TRP A 116 -7.44 3.69 1.44
C TRP A 116 -7.60 4.26 2.85
N ALA A 117 -8.76 4.86 3.12
CA ALA A 117 -9.05 5.40 4.44
C ALA A 117 -9.00 4.34 5.52
N PHE A 118 -9.45 3.14 5.20
CA PHE A 118 -9.45 2.03 6.15
C PHE A 118 -8.03 1.51 6.42
N SER A 119 -7.24 1.28 5.36
CA SER A 119 -5.86 0.84 5.54
C SER A 119 -5.11 1.86 6.39
N THR A 120 -5.33 3.15 6.08
CA THR A 120 -4.68 4.24 6.80
C THR A 120 -5.07 4.26 8.28
N LEU A 121 -6.35 4.08 8.55
CA LEU A 121 -6.80 4.12 9.92
C LEU A 121 -6.24 2.94 10.71
N LEU A 122 -6.19 1.76 10.08
CA LEU A 122 -5.58 0.60 10.73
C LEU A 122 -4.13 0.90 11.05
N GLY A 123 -3.48 1.66 10.18
CA GLY A 123 -2.10 2.05 10.42
C GLY A 123 -1.94 2.96 11.62
N LEU A 124 -2.87 3.89 11.79
CA LEU A 124 -2.78 4.80 12.93
C LEU A 124 -2.98 4.01 14.22
N ILE A 125 -3.97 3.11 14.18
CA ILE A 125 -4.24 2.27 15.34
C ILE A 125 -3.02 1.41 15.69
N LEU A 126 -2.49 0.69 14.70
CA LEU A 126 -1.31 -0.14 14.90
C LEU A 126 -0.07 0.62 15.36
N PHE A 127 0.02 1.89 15.00
CA PHE A 127 1.15 2.69 15.42
C PHE A 127 1.01 3.05 16.90
N LEU A 128 -0.25 3.28 17.29
CA LEU A 128 -0.57 3.56 18.68
C LEU A 128 -0.30 2.31 19.55
N LEU A 129 -0.83 1.18 19.08
CA LEU A 129 -0.60 -0.11 19.70
C LEU A 129 0.90 -0.34 19.82
N GLU A 130 1.62 -0.01 18.76
CA GLU A 130 3.07 -0.16 18.71
C GLU A 130 3.80 0.62 19.81
N ILE A 131 3.39 1.87 20.05
CA ILE A 131 4.07 2.63 21.12
C ILE A 131 3.68 2.10 22.51
N ALA A 132 2.46 1.55 22.62
CA ALA A 132 2.07 0.90 23.89
C ALA A 132 2.97 -0.29 24.19
N ILE A 133 3.03 -1.22 23.24
CA ILE A 133 3.89 -2.39 23.35
C ILE A 133 5.33 -1.96 23.58
N LEU A 134 5.69 -0.77 23.10
CA LEU A 134 7.06 -0.36 23.33
C LEU A 134 7.27 0.17 24.73
N CYS A 135 6.27 0.83 25.32
CA CYS A 135 6.45 1.30 26.69
C CYS A 135 6.59 0.04 27.53
N TRP A 136 5.79 -0.94 27.14
CA TRP A 136 5.71 -2.26 27.74
C TRP A 136 7.07 -2.94 27.78
N VAL A 137 7.71 -2.99 26.61
CA VAL A 137 9.01 -3.66 26.46
C VAL A 137 10.19 -2.88 27.03
N LYS A 138 10.13 -1.56 26.98
CA LYS A 138 11.22 -0.75 27.49
C LYS A 138 11.19 -0.77 29.01
N PHE A 139 9.97 -0.81 29.56
CA PHE A 139 9.74 -0.70 31.00
C PHE A 139 9.50 -2.06 31.71
N TYR A 140 9.47 -3.15 30.94
CA TYR A 140 9.12 -4.49 31.43
C TYR A 140 9.76 -4.91 32.75
N ASP A 141 11.08 -5.05 32.73
CA ASP A 141 11.82 -5.41 33.93
C ASP A 141 12.16 -4.19 34.78
N LEU A 142 11.70 -3.01 34.36
CA LEU A 142 12.02 -1.77 35.06
C LEU A 142 10.91 -1.30 36.01
N SER A 143 9.79 -0.84 35.45
CA SER A 143 8.64 -0.45 36.24
C SER A 143 7.32 -0.89 35.57
N ARG A 144 6.58 -1.77 36.22
CA ARG A 144 5.32 -2.26 35.65
C ARG A 144 4.20 -1.22 35.75
N ARG A 145 4.27 -0.41 36.80
CA ARG A 145 3.27 0.63 37.06
C ARG A 145 3.14 1.62 35.89
N ALA A 146 4.29 2.08 35.39
CA ALA A 146 4.33 3.05 34.28
C ALA A 146 3.75 2.49 32.98
N ALA A 147 4.28 1.36 32.54
CA ALA A 147 3.81 0.67 31.35
C ALA A 147 2.30 0.43 31.40
N TRP A 148 1.84 -0.18 32.49
CA TRP A 148 0.41 -0.46 32.64
C TRP A 148 -0.41 0.82 32.62
N SER A 149 0.10 1.86 33.28
CA SER A 149 -0.59 3.14 33.36
C SER A 149 -0.82 3.68 31.94
N ALA A 150 0.25 3.76 31.16
CA ALA A 150 0.19 4.20 29.76
C ALA A 150 -0.82 3.39 28.92
N THR A 151 -0.55 2.09 28.84
CA THR A 151 -1.36 1.15 28.08
C THR A 151 -2.85 1.34 28.45
N VAL A 152 -3.12 1.69 29.70
CA VAL A 152 -4.50 1.95 30.14
C VAL A 152 -5.06 3.28 29.63
N VAL A 153 -4.27 4.36 29.79
CA VAL A 153 -4.67 5.70 29.35
C VAL A 153 -4.93 5.72 27.84
N LEU A 154 -4.52 4.67 27.15
CA LEU A 154 -4.84 4.58 25.71
C LEU A 154 -6.30 4.29 25.39
N ILE A 155 -7.01 3.68 26.34
CA ILE A 155 -8.35 3.18 26.04
C ILE A 155 -9.40 4.21 25.49
N PRO A 156 -9.49 5.42 26.07
CA PRO A 156 -10.60 6.25 25.57
C PRO A 156 -10.42 6.68 24.11
N VAL A 157 -9.17 6.92 23.73
CA VAL A 157 -8.82 7.30 22.38
C VAL A 157 -8.97 6.09 21.45
N MET A 158 -8.52 4.93 21.93
CA MET A 158 -8.62 3.70 21.18
C MET A 158 -10.06 3.44 20.76
N ILE A 159 -11.01 3.80 21.61
CA ILE A 159 -12.42 3.62 21.33
C ILE A 159 -12.84 4.36 20.08
N ILE A 160 -12.50 5.64 20.02
CA ILE A 160 -12.78 6.46 18.85
C ILE A 160 -12.13 5.88 17.58
N PHE A 161 -10.91 5.38 17.71
CA PHE A 161 -10.21 4.77 16.59
C PHE A 161 -10.90 3.50 16.10
N MET A 162 -11.22 2.61 17.05
CA MET A 162 -11.94 1.37 16.75
C MET A 162 -13.32 1.64 16.19
N ALA A 163 -13.95 2.69 16.70
CA ALA A 163 -15.28 3.10 16.26
C ALA A 163 -15.30 3.37 14.76
N PHE A 164 -14.41 4.25 14.32
CA PHE A 164 -14.33 4.61 12.91
C PHE A 164 -13.88 3.44 12.05
N ALA A 165 -12.91 2.68 12.57
CA ALA A 165 -12.42 1.48 11.90
C ALA A 165 -13.56 0.53 11.58
N ILE A 166 -14.56 0.53 12.46
CA ILE A 166 -15.73 -0.32 12.26
C ILE A 166 -16.59 0.20 11.11
N HIS A 167 -16.87 1.51 11.08
CA HIS A 167 -17.64 2.12 10.01
C HIS A 167 -17.02 1.90 8.64
N PHE A 168 -15.70 2.10 8.57
CA PHE A 168 -14.98 1.94 7.31
C PHE A 168 -14.97 0.49 6.86
N TYR A 169 -14.93 -0.42 7.84
CA TYR A 169 -15.00 -1.84 7.54
C TYR A 169 -16.39 -2.20 7.02
N ARG A 170 -17.42 -1.74 7.72
CA ARG A 170 -18.81 -1.99 7.35
C ARG A 170 -19.14 -1.50 5.94
N SER A 171 -18.53 -0.40 5.51
CA SER A 171 -18.83 0.12 4.16
C SER A 171 -18.24 -0.78 3.07
N LEU A 172 -17.15 -1.46 3.41
CA LEU A 172 -16.43 -2.32 2.49
C LEU A 172 -17.13 -3.64 2.23
N VAL A 173 -17.40 -4.36 3.31
CA VAL A 173 -18.08 -5.66 3.26
C VAL A 173 -19.42 -5.60 2.50
N SER A 174 -20.17 -4.53 2.73
CA SER A 174 -21.46 -4.32 2.08
C SER A 174 -21.34 -4.19 0.56
N HIS A 175 -20.57 -3.20 0.10
CA HIS A 175 -20.41 -2.96 -1.33
C HIS A 175 -19.47 -3.90 -2.09
N LYS A 176 -19.03 -4.98 -1.43
CA LYS A 176 -18.17 -5.98 -2.07
C LYS A 176 -18.92 -6.37 -3.34
N TYR A 177 -20.24 -6.41 -3.20
CA TYR A 177 -21.16 -6.72 -4.29
C TYR A 177 -21.22 -5.58 -5.30
N GLU A 178 -21.85 -4.48 -4.89
CA GLU A 178 -22.02 -3.30 -5.75
C GLU A 178 -20.82 -2.88 -6.59
N VAL A 179 -19.65 -2.80 -5.97
CA VAL A 179 -18.43 -2.36 -6.63
C VAL A 179 -17.81 -3.30 -7.67
N THR A 180 -17.71 -4.57 -7.35
CA THR A 180 -17.14 -5.52 -8.30
C THR A 180 -17.86 -5.33 -9.62
N VAL A 181 -19.18 -5.23 -9.52
CA VAL A 181 -19.99 -5.04 -10.71
C VAL A 181 -19.66 -3.70 -11.28
N SER A 182 -19.63 -2.69 -10.42
CA SER A 182 -19.34 -1.33 -10.82
C SER A 182 -18.07 -1.27 -11.65
N GLY A 183 -17.07 -2.05 -11.23
CA GLY A 183 -15.80 -2.09 -11.92
C GLY A 183 -15.90 -2.82 -13.24
N ILE A 184 -16.80 -3.80 -13.32
CA ILE A 184 -16.99 -4.54 -14.55
C ILE A 184 -17.59 -3.59 -15.59
N ARG A 185 -18.58 -2.83 -15.17
CA ARG A 185 -19.24 -1.89 -16.07
C ARG A 185 -18.27 -0.84 -16.59
N GLU A 186 -17.33 -0.40 -15.77
CA GLU A 186 -16.38 0.60 -16.23
C GLU A 186 -15.34 -0.04 -17.16
N LEU A 187 -14.84 -1.22 -16.83
CA LEU A 187 -13.85 -1.92 -17.68
C LEU A 187 -14.48 -2.30 -19.03
N GLU A 188 -15.76 -2.65 -19.00
CA GLU A 188 -16.47 -3.01 -20.22
C GLU A 188 -16.55 -1.77 -21.09
N MET A 189 -17.02 -0.66 -20.52
CA MET A 189 -17.15 0.62 -21.24
C MET A 189 -15.83 1.05 -21.85
N LEU A 190 -14.72 0.59 -21.23
CA LEU A 190 -13.37 0.87 -21.70
C LEU A 190 -13.06 -0.07 -22.84
N LYS A 191 -13.58 -1.31 -22.78
CA LYS A 191 -13.36 -2.30 -23.85
C LYS A 191 -14.18 -1.88 -25.05
N GLU A 192 -15.28 -1.17 -24.76
CA GLU A 192 -16.18 -0.70 -25.79
C GLU A 192 -15.69 0.60 -26.43
N GLN A 193 -14.99 1.45 -25.67
CA GLN A 193 -14.46 2.71 -26.19
C GLN A 193 -13.26 2.49 -27.11
N MET A 194 -12.67 1.29 -27.05
CA MET A 194 -11.53 0.93 -27.89
C MET A 194 -12.07 0.29 -29.14
N GLU A 195 -13.26 -0.29 -29.04
CA GLU A 195 -13.88 -0.91 -30.18
C GLU A 195 -14.46 0.19 -31.06
N GLN A 196 -14.97 1.27 -30.47
CA GLN A 196 -15.51 2.34 -31.30
C GLN A 196 -14.31 3.06 -31.89
N ASP A 197 -13.34 3.40 -31.05
CA ASP A 197 -12.13 4.09 -31.49
C ASP A 197 -11.37 3.30 -32.56
N HIS A 198 -11.64 2.00 -32.67
CA HIS A 198 -10.99 1.12 -33.66
C HIS A 198 -11.85 0.99 -34.93
N LEU A 199 -13.15 1.16 -34.78
CA LEU A 199 -14.07 1.06 -35.92
C LEU A 199 -13.90 2.24 -36.89
N GLU A 200 -13.25 3.30 -36.43
CA GLU A 200 -13.04 4.49 -37.25
C GLU A 200 -11.68 4.54 -37.93
N HIS A 201 -10.78 3.63 -37.56
CA HIS A 201 -9.45 3.60 -38.14
C HIS A 201 -9.44 3.23 -39.63
N HIS A 202 -10.51 2.60 -40.12
CA HIS A 202 -10.61 2.22 -41.53
C HIS A 202 -11.11 3.35 -42.42
N THR B 12 -9.76 19.96 -21.96
CA THR B 12 -8.82 20.84 -21.22
C THR B 12 -8.71 20.41 -19.76
N TYR B 13 -9.84 20.12 -19.14
CA TYR B 13 -9.87 19.70 -17.74
C TYR B 13 -9.27 18.30 -17.59
N LEU B 14 -9.45 17.49 -18.63
CA LEU B 14 -8.95 16.12 -18.65
C LEU B 14 -7.42 16.10 -18.77
N SER B 15 -6.87 16.88 -19.70
CA SER B 15 -5.42 16.94 -19.88
C SER B 15 -4.77 17.60 -18.67
N TRP B 16 -5.50 18.52 -18.04
CA TRP B 16 -5.02 19.22 -16.85
C TRP B 16 -4.99 18.25 -15.67
N ARG B 17 -6.03 17.44 -15.52
CA ARG B 17 -6.10 16.46 -14.44
C ARG B 17 -5.04 15.38 -14.63
N LYS B 18 -4.84 14.93 -15.86
CA LYS B 18 -3.84 13.90 -16.15
C LYS B 18 -2.46 14.42 -15.76
N LEU B 19 -2.15 15.63 -16.19
CA LEU B 19 -0.85 16.24 -15.88
C LEU B 19 -0.62 16.49 -14.38
N GLN B 20 -1.69 16.82 -13.63
CA GLN B 20 -1.55 17.07 -12.19
C GLN B 20 -1.49 15.74 -11.41
N LEU B 21 -1.93 14.67 -12.06
CA LEU B 21 -1.86 13.34 -11.50
C LEU B 21 -0.45 12.80 -11.65
N SER B 22 0.16 13.07 -12.80
CA SER B 22 1.56 12.68 -12.97
C SER B 22 2.48 13.53 -12.08
N ARG B 23 2.02 14.74 -11.75
CA ARG B 23 2.81 15.62 -10.89
C ARG B 23 2.67 15.26 -9.40
N ALA B 24 1.51 14.78 -8.96
CA ALA B 24 1.41 14.40 -7.55
C ALA B 24 1.98 12.97 -7.39
N LYS B 25 2.04 12.22 -8.49
CA LYS B 25 2.58 10.88 -8.47
C LYS B 25 4.12 11.00 -8.46
N LEU B 26 4.64 12.04 -9.12
CA LEU B 26 6.08 12.27 -9.14
C LEU B 26 6.47 12.62 -7.71
N LYS B 27 5.94 13.72 -7.18
CA LYS B 27 6.26 14.14 -5.82
C LYS B 27 6.06 13.03 -4.77
N ALA B 28 5.01 12.22 -4.85
CA ALA B 28 4.86 11.18 -3.83
C ALA B 28 5.74 9.93 -4.07
N SER B 29 5.98 9.57 -5.32
CA SER B 29 6.84 8.43 -5.57
C SER B 29 8.21 8.76 -5.00
N SER B 30 8.65 9.98 -5.26
CA SER B 30 9.95 10.42 -4.80
C SER B 30 10.05 10.40 -3.30
N LYS B 31 9.23 11.16 -2.60
CA LYS B 31 9.32 11.15 -1.14
C LYS B 31 9.29 9.72 -0.55
N THR B 32 8.32 8.88 -0.96
CA THR B 32 8.22 7.54 -0.34
C THR B 32 9.33 6.54 -0.71
N SER B 33 9.73 6.50 -1.98
CA SER B 33 10.79 5.58 -2.39
C SER B 33 12.06 5.95 -1.64
N ALA B 34 12.37 7.25 -1.61
CA ALA B 34 13.57 7.69 -0.90
C ALA B 34 13.50 7.38 0.59
N LEU B 35 12.34 7.64 1.21
CA LEU B 35 12.21 7.43 2.64
C LEU B 35 12.28 5.95 3.05
N LEU B 36 11.62 5.08 2.29
CA LEU B 36 11.64 3.66 2.62
C LEU B 36 13.06 3.12 2.44
N SER B 37 13.71 3.51 1.34
CA SER B 37 15.08 3.04 1.07
C SER B 37 16.02 3.46 2.20
N GLY B 38 15.98 4.74 2.58
CA GLY B 38 16.85 5.23 3.65
C GLY B 38 16.61 4.58 5.00
N PHE B 39 15.34 4.51 5.39
CA PHE B 39 14.96 3.90 6.66
C PHE B 39 15.44 2.45 6.72
N ALA B 40 15.29 1.73 5.60
CA ALA B 40 15.72 0.33 5.53
C ALA B 40 17.23 0.18 5.63
N MET B 41 18.00 1.00 4.92
CA MET B 41 19.46 0.94 5.02
C MET B 41 19.91 1.12 6.48
N VAL B 42 19.30 2.11 7.15
CA VAL B 42 19.62 2.38 8.55
C VAL B 42 19.21 1.19 9.44
N ALA B 43 18.09 0.57 9.10
CA ALA B 43 17.59 -0.55 9.89
C ALA B 43 18.55 -1.72 9.79
N MET B 44 19.15 -1.91 8.62
CA MET B 44 20.15 -2.95 8.48
C MET B 44 21.41 -2.66 9.29
N VAL B 45 22.00 -1.47 9.15
CA VAL B 45 23.24 -1.24 9.90
C VAL B 45 23.05 -1.24 11.44
N GLU B 46 21.85 -0.92 11.90
CA GLU B 46 21.56 -0.86 13.34
C GLU B 46 21.53 -2.19 14.12
N VAL B 47 21.27 -3.30 13.42
CA VAL B 47 21.26 -4.62 14.06
C VAL B 47 22.62 -5.33 14.10
N GLN B 48 23.56 -4.87 13.29
CA GLN B 48 24.91 -5.43 13.25
C GLN B 48 25.81 -4.80 14.31
N MET B 59 18.75 -18.05 5.83
CA MET B 59 17.81 -16.96 6.08
C MET B 59 18.48 -15.59 6.03
N LEU B 60 19.80 -15.54 6.20
CA LEU B 60 20.51 -14.27 6.11
C LEU B 60 20.79 -13.92 4.66
N ILE B 61 20.81 -14.93 3.80
CA ILE B 61 20.91 -14.71 2.36
C ILE B 61 19.64 -13.99 1.93
N ALA B 62 18.54 -14.37 2.58
CA ALA B 62 17.26 -13.71 2.38
C ALA B 62 17.35 -12.23 2.77
N PHE B 63 17.78 -11.98 4.01
CA PHE B 63 17.98 -10.63 4.54
C PHE B 63 18.80 -9.71 3.61
N ALA B 64 19.92 -10.22 3.10
CA ALA B 64 20.78 -9.40 2.23
C ALA B 64 20.17 -9.18 0.85
N ILE B 65 19.69 -10.26 0.23
CA ILE B 65 19.09 -10.16 -1.10
C ILE B 65 17.88 -9.25 -1.05
N CYS B 66 17.20 -9.25 0.08
CA CYS B 66 16.01 -8.44 0.29
C CYS B 66 16.38 -6.98 0.39
N THR B 67 17.18 -6.61 1.40
CA THR B 67 17.60 -5.21 1.56
C THR B 67 18.12 -4.63 0.24
N THR B 68 19.00 -5.40 -0.38
CA THR B 68 19.64 -4.96 -1.60
C THR B 68 18.65 -4.79 -2.76
N LEU B 69 17.69 -5.71 -2.86
CA LEU B 69 16.66 -5.67 -3.90
C LEU B 69 15.70 -4.51 -3.68
N LEU B 70 15.37 -4.26 -2.41
CA LEU B 70 14.46 -3.20 -2.02
C LEU B 70 15.05 -1.86 -2.43
N VAL B 71 16.31 -1.61 -2.07
CA VAL B 71 16.94 -0.35 -2.46
C VAL B 71 17.09 -0.23 -3.98
N ALA B 72 17.36 -1.36 -4.65
CA ALA B 72 17.56 -1.32 -6.11
C ALA B 72 16.27 -0.98 -6.87
N VAL B 73 15.19 -1.63 -6.47
CA VAL B 73 13.88 -1.44 -7.10
C VAL B 73 13.39 -0.01 -6.86
N HIS B 74 13.63 0.51 -5.65
CA HIS B 74 13.20 1.88 -5.38
C HIS B 74 13.99 2.92 -6.17
N MET B 75 15.31 2.71 -6.26
CA MET B 75 16.13 3.61 -7.06
C MET B 75 15.68 3.57 -8.51
N LEU B 76 15.24 2.40 -8.96
CA LEU B 76 14.71 2.27 -10.32
C LEU B 76 13.52 3.21 -10.50
N ALA B 77 12.53 3.10 -9.60
CA ALA B 77 11.38 4.01 -9.67
C ALA B 77 11.79 5.50 -9.74
N LEU B 78 12.67 5.90 -8.82
CA LEU B 78 13.15 7.29 -8.77
C LEU B 78 13.77 7.73 -10.11
N MET B 79 14.51 6.83 -10.74
CA MET B 79 15.12 7.20 -12.00
C MET B 79 14.04 7.37 -13.04
N ILE B 80 13.02 6.53 -12.97
CA ILE B 80 11.89 6.66 -13.90
C ILE B 80 11.21 8.02 -13.68
N SER B 81 11.42 8.63 -12.51
CA SER B 81 10.95 10.01 -12.27
C SER B 81 11.95 11.11 -12.72
N THR B 82 13.19 10.71 -12.98
CA THR B 82 14.25 11.54 -13.59
C THR B 82 13.92 11.68 -15.09
N CYS B 83 13.42 10.59 -15.69
CA CYS B 83 13.09 10.54 -17.11
C CYS B 83 11.66 10.73 -17.62
N ILE B 84 10.65 10.79 -16.76
CA ILE B 84 9.31 11.03 -17.28
C ILE B 84 9.19 12.53 -17.51
N LEU B 85 9.92 13.32 -16.72
CA LEU B 85 9.95 14.77 -16.88
C LEU B 85 10.32 15.28 -18.31
N PRO B 86 11.41 14.75 -18.93
CA PRO B 86 11.70 15.20 -20.31
C PRO B 86 10.65 14.80 -21.34
N ASN B 87 9.95 13.69 -21.09
CA ASN B 87 8.93 13.20 -22.02
C ASN B 87 7.54 13.16 -21.39
N PRO B 104 0.97 6.76 -30.44
CA PRO B 104 2.01 7.80 -30.49
C PRO B 104 2.72 7.98 -29.15
N HIS B 105 2.50 9.12 -28.51
CA HIS B 105 3.06 9.45 -27.20
C HIS B 105 2.39 8.56 -26.14
N GLU B 106 1.09 8.36 -26.30
CA GLU B 106 0.26 7.59 -25.36
C GLU B 106 0.77 6.19 -24.98
N ARG B 107 1.11 5.38 -25.98
CA ARG B 107 1.54 4.00 -25.72
C ARG B 107 2.86 3.94 -24.94
N LEU B 108 3.79 4.81 -25.30
CA LEU B 108 5.09 4.90 -24.65
C LEU B 108 4.93 5.39 -23.21
N HIS B 109 4.02 6.36 -22.99
CA HIS B 109 3.80 6.91 -21.65
C HIS B 109 3.14 5.88 -20.74
N TRP B 110 2.31 5.01 -21.30
CA TRP B 110 1.68 3.97 -20.48
C TRP B 110 2.67 2.86 -20.13
N TYR B 111 3.56 2.49 -21.07
CA TYR B 111 4.59 1.50 -20.72
C TYR B 111 5.52 2.04 -19.61
N ILE B 112 5.96 3.30 -19.75
CA ILE B 112 6.80 3.91 -18.71
C ILE B 112 6.05 4.01 -17.36
N GLU B 113 4.83 4.51 -17.42
CA GLU B 113 3.96 4.60 -16.25
C GLU B 113 3.84 3.28 -15.49
N THR B 114 3.62 2.22 -16.26
CA THR B 114 3.44 0.89 -15.69
C THR B 114 4.76 0.35 -15.13
N ALA B 115 5.88 0.71 -15.75
CA ALA B 115 7.17 0.30 -15.24
C ALA B 115 7.48 0.99 -13.91
N TRP B 116 7.05 2.24 -13.79
CA TRP B 116 7.20 2.99 -12.56
C TRP B 116 6.33 2.38 -11.45
N ALA B 117 5.05 2.15 -11.77
CA ALA B 117 4.10 1.52 -10.85
C ALA B 117 4.54 0.13 -10.41
N PHE B 118 5.13 -0.60 -11.32
CA PHE B 118 5.59 -1.95 -11.04
C PHE B 118 6.82 -1.90 -10.12
N SER B 119 7.78 -1.04 -10.46
CA SER B 119 8.96 -0.88 -9.61
C SER B 119 8.55 -0.47 -8.19
N THR B 120 7.61 0.46 -8.10
CA THR B 120 7.12 0.96 -6.83
C THR B 120 6.45 -0.16 -6.01
N LEU B 121 5.63 -0.97 -6.68
CA LEU B 121 4.91 -2.04 -5.98
C LEU B 121 5.90 -3.07 -5.48
N LEU B 122 6.90 -3.38 -6.30
CA LEU B 122 7.95 -4.30 -5.89
C LEU B 122 8.62 -3.72 -4.65
N GLY B 123 8.75 -2.40 -4.58
CA GLY B 123 9.33 -1.78 -3.40
C GLY B 123 8.50 -1.90 -2.13
N LEU B 124 7.18 -1.76 -2.25
CA LEU B 124 6.31 -1.86 -1.06
C LEU B 124 6.33 -3.30 -0.55
N ILE B 125 6.25 -4.24 -1.50
CA ILE B 125 6.29 -5.66 -1.14
C ILE B 125 7.59 -5.99 -0.44
N LEU B 126 8.70 -5.63 -1.07
CA LEU B 126 10.03 -5.86 -0.51
C LEU B 126 10.23 -5.19 0.86
N PHE B 127 9.53 -4.08 1.11
CA PHE B 127 9.67 -3.40 2.40
C PHE B 127 8.95 -4.24 3.45
N LEU B 128 7.83 -4.85 3.04
CA LEU B 128 7.10 -5.75 3.94
C LEU B 128 7.91 -7.03 4.24
N LEU B 129 8.45 -7.66 3.20
CA LEU B 129 9.32 -8.81 3.36
C LEU B 129 10.45 -8.43 4.30
N GLU B 130 11.01 -7.24 4.10
CA GLU B 130 12.10 -6.74 4.93
C GLU B 130 11.74 -6.68 6.42
N ILE B 131 10.53 -6.21 6.74
CA ILE B 131 10.17 -6.17 8.15
C ILE B 131 9.90 -7.58 8.69
N ALA B 132 9.45 -8.48 7.81
CA ALA B 132 9.31 -9.89 8.21
C ALA B 132 10.64 -10.50 8.60
N ILE B 133 11.58 -10.43 7.67
CA ILE B 133 12.94 -10.89 7.87
C ILE B 133 13.58 -10.21 9.09
N LEU B 134 13.13 -9.01 9.43
CA LEU B 134 13.72 -8.36 10.58
C LEU B 134 13.11 -8.87 11.87
N CYS B 135 11.82 -9.23 11.88
CA CYS B 135 11.26 -9.77 13.12
C CYS B 135 11.99 -11.08 13.36
N TRP B 136 12.22 -11.76 12.25
CA TRP B 136 12.93 -13.03 12.16
C TRP B 136 14.29 -12.94 12.81
N VAL B 137 15.07 -11.94 12.40
CA VAL B 137 16.44 -11.74 12.88
C VAL B 137 16.52 -11.22 14.32
N LYS B 138 15.55 -10.41 14.72
CA LYS B 138 15.59 -9.87 16.08
C LYS B 138 15.22 -10.96 17.08
N PHE B 139 14.30 -11.84 16.69
CA PHE B 139 13.74 -12.88 17.57
C PHE B 139 14.35 -14.28 17.43
N TYR B 140 15.27 -14.46 16.49
CA TYR B 140 15.84 -15.77 16.14
C TYR B 140 16.22 -16.61 17.35
N ASP B 141 17.20 -16.14 18.10
CA ASP B 141 17.63 -16.83 19.31
C ASP B 141 16.78 -16.42 20.53
N LEU B 142 15.76 -15.60 20.32
CA LEU B 142 14.93 -15.13 21.42
C LEU B 142 13.61 -15.91 21.57
N SER B 143 12.69 -15.70 20.64
CA SER B 143 11.45 -16.46 20.61
C SER B 143 11.04 -16.81 19.19
N ARG B 144 11.01 -18.10 18.85
CA ARG B 144 10.65 -18.52 17.49
C ARG B 144 9.16 -18.41 17.20
N ARG B 145 8.35 -18.62 18.23
CA ARG B 145 6.89 -18.57 18.12
C ARG B 145 6.41 -17.23 17.57
N ALA B 146 6.94 -16.15 18.13
CA ALA B 146 6.58 -14.79 17.73
C ALA B 146 6.94 -14.48 16.28
N ALA B 147 8.22 -14.69 15.94
CA ALA B 147 8.72 -14.49 14.58
C ALA B 147 7.88 -15.23 13.54
N TRP B 148 7.69 -16.53 13.78
CA TRP B 148 6.92 -17.36 12.86
C TRP B 148 5.50 -16.80 12.76
N SER B 149 4.95 -16.37 13.91
CA SER B 149 3.59 -15.82 13.95
C SER B 149 3.45 -14.61 13.02
N ALA B 150 4.34 -13.63 13.16
CA ALA B 150 4.38 -12.45 12.30
C ALA B 150 4.47 -12.80 10.80
N THR B 151 5.57 -13.47 10.44
CA THR B 151 5.82 -13.88 9.05
C THR B 151 4.57 -14.58 8.48
N VAL B 152 3.84 -15.28 9.35
CA VAL B 152 2.60 -15.96 8.95
C VAL B 152 1.43 -15.00 8.71
N VAL B 153 1.19 -14.09 9.66
CA VAL B 153 0.09 -13.12 9.50
C VAL B 153 0.33 -12.25 8.26
N LEU B 154 1.54 -12.30 7.71
CA LEU B 154 1.78 -11.57 6.46
C LEU B 154 1.16 -12.14 5.19
N ILE B 155 0.90 -13.45 5.17
CA ILE B 155 0.49 -14.10 3.93
C ILE B 155 -0.76 -13.54 3.19
N PRO B 156 -1.86 -13.24 3.92
CA PRO B 156 -3.06 -12.81 3.18
C PRO B 156 -2.88 -11.47 2.48
N VAL B 157 -2.10 -10.57 3.08
CA VAL B 157 -1.83 -9.27 2.49
C VAL B 157 -0.92 -9.44 1.28
N MET B 158 0.11 -10.27 1.41
CA MET B 158 1.04 -10.59 0.32
C MET B 158 0.28 -11.12 -0.89
N ILE B 159 -0.78 -11.87 -0.64
CA ILE B 159 -1.60 -12.40 -1.72
C ILE B 159 -2.21 -11.24 -2.52
N ILE B 160 -2.84 -10.30 -1.82
CA ILE B 160 -3.38 -9.11 -2.47
C ILE B 160 -2.24 -8.36 -3.17
N PHE B 161 -1.08 -8.32 -2.50
CA PHE B 161 0.11 -7.68 -3.06
C PHE B 161 0.63 -8.44 -4.28
N MET B 162 0.75 -9.75 -4.15
CA MET B 162 1.19 -10.60 -5.26
C MET B 162 0.21 -10.51 -6.43
N ALA B 163 -1.07 -10.39 -6.10
CA ALA B 163 -2.12 -10.27 -7.10
C ALA B 163 -1.89 -9.07 -8.02
N PHE B 164 -1.72 -7.90 -7.44
CA PHE B 164 -1.50 -6.68 -8.22
C PHE B 164 -0.18 -6.68 -8.97
N ALA B 165 0.87 -7.18 -8.32
CA ALA B 165 2.19 -7.32 -8.94
C ALA B 165 2.09 -8.12 -10.24
N ILE B 166 1.15 -9.06 -10.27
CA ILE B 166 0.90 -9.89 -11.44
C ILE B 166 0.24 -9.01 -12.52
N HIS B 167 -0.77 -8.23 -12.14
CA HIS B 167 -1.45 -7.34 -13.10
C HIS B 167 -0.50 -6.35 -13.78
N PHE B 168 0.35 -5.70 -12.99
CA PHE B 168 1.28 -4.72 -13.56
C PHE B 168 2.35 -5.38 -14.43
N TYR B 169 2.77 -6.60 -14.06
CA TYR B 169 3.73 -7.33 -14.89
C TYR B 169 3.05 -7.74 -16.20
N ARG B 170 1.85 -8.33 -16.10
CA ARG B 170 1.09 -8.75 -17.28
C ARG B 170 0.82 -7.58 -18.23
N SER B 171 0.60 -6.40 -17.63
CA SER B 171 0.30 -5.18 -18.37
C SER B 171 1.56 -4.66 -19.07
N LEU B 172 2.72 -5.06 -18.58
CA LEU B 172 3.97 -4.61 -19.18
C LEU B 172 4.38 -5.28 -20.47
N VAL B 173 4.26 -6.61 -20.52
CA VAL B 173 4.62 -7.38 -21.72
C VAL B 173 3.60 -7.22 -22.85
N SER B 174 2.32 -7.25 -22.46
CA SER B 174 1.18 -7.16 -23.37
C SER B 174 0.51 -5.80 -23.62
N HIS B 175 -0.48 -5.80 -24.51
CA HIS B 175 -1.19 -4.58 -24.85
C HIS B 175 -2.49 -4.43 -24.06
N LYS B 176 -2.91 -3.18 -23.88
CA LYS B 176 -4.08 -2.82 -23.11
C LYS B 176 -5.33 -3.68 -23.29
N TYR B 177 -5.72 -3.94 -24.53
CA TYR B 177 -6.92 -4.73 -24.80
C TYR B 177 -6.98 -6.08 -24.09
N GLU B 178 -6.08 -6.99 -24.42
CA GLU B 178 -6.06 -8.33 -23.83
C GLU B 178 -6.14 -8.30 -22.30
N VAL B 179 -5.45 -7.35 -21.68
CA VAL B 179 -5.44 -7.23 -20.22
C VAL B 179 -6.69 -6.56 -19.71
N THR B 180 -7.41 -5.90 -20.60
CA THR B 180 -8.63 -5.25 -20.20
C THR B 180 -9.70 -6.29 -20.19
N VAL B 181 -9.68 -7.14 -21.21
CA VAL B 181 -10.64 -8.21 -21.26
C VAL B 181 -10.26 -9.20 -20.18
N SER B 182 -8.97 -9.47 -20.03
CA SER B 182 -8.50 -10.39 -18.99
C SER B 182 -9.13 -9.96 -17.69
N GLY B 183 -9.11 -8.65 -17.44
CA GLY B 183 -9.66 -8.10 -16.21
C GLY B 183 -11.17 -8.19 -16.08
N ILE B 184 -11.87 -8.23 -17.20
CA ILE B 184 -13.32 -8.31 -17.10
C ILE B 184 -13.67 -9.76 -16.79
N ARG B 185 -12.89 -10.69 -17.32
CA ARG B 185 -13.14 -12.11 -17.07
C ARG B 185 -12.94 -12.41 -15.60
N GLU B 186 -11.78 -12.03 -15.06
CA GLU B 186 -11.47 -12.28 -13.66
C GLU B 186 -12.46 -11.64 -12.70
N LEU B 187 -13.08 -10.53 -13.11
CA LEU B 187 -14.05 -9.88 -12.24
C LEU B 187 -15.44 -10.51 -12.35
N GLU B 188 -15.83 -10.88 -13.57
CA GLU B 188 -17.14 -11.47 -13.81
C GLU B 188 -17.27 -12.84 -13.12
N MET B 189 -16.17 -13.60 -13.11
CA MET B 189 -16.15 -14.92 -12.46
C MET B 189 -16.29 -14.77 -10.94
N LEU B 190 -16.21 -13.53 -10.45
CA LEU B 190 -16.36 -13.24 -9.03
C LEU B 190 -17.81 -12.86 -8.80
N LYS B 191 -18.42 -12.21 -9.79
CA LYS B 191 -19.82 -11.81 -9.68
C LYS B 191 -20.74 -13.01 -9.40
N GLU B 192 -20.27 -14.21 -9.74
CA GLU B 192 -21.06 -15.43 -9.55
C GLU B 192 -20.99 -16.00 -8.13
N GLN B 193 -19.94 -15.60 -7.41
CA GLN B 193 -19.70 -16.10 -6.05
C GLN B 193 -20.50 -15.42 -4.93
N MET B 194 -20.56 -14.10 -4.97
CA MET B 194 -21.28 -13.35 -3.93
C MET B 194 -22.79 -13.60 -3.93
N GLU B 195 -23.34 -13.86 -5.11
CA GLU B 195 -24.78 -14.12 -5.27
C GLU B 195 -25.20 -15.45 -4.64
N GLN B 196 -24.40 -16.48 -4.92
CA GLN B 196 -24.63 -17.83 -4.39
C GLN B 196 -24.76 -17.83 -2.86
N ASP B 197 -24.01 -16.95 -2.20
CA ASP B 197 -24.01 -16.82 -0.74
C ASP B 197 -25.13 -15.87 -0.26
BA BA C . 23.33 2.95 19.15
ZN ZN D . -10.62 -4.18 -37.79
FE FE E . 5.31 19.29 -0.41
FE FE F . 2.48 21.86 -3.48
#